data_7Q28
#
_entry.id   7Q28
#
_cell.length_a   56.254
_cell.length_b   84.780
_cell.length_c   133.376
_cell.angle_alpha   90.000
_cell.angle_beta   90.000
_cell.angle_gamma   90.000
#
_symmetry.space_group_name_H-M   'P 21 21 21'
#
loop_
_entity.id
_entity.type
_entity.pdbx_description
1 polymer 'Angiotensin-converting enzyme'
2 branched alpha-D-mannopyranose-(1-3)-beta-D-mannopyranose-(1-4)-2-acetamido-2-deoxy-beta-D-glucopyranose-(1-4)-[alpha-L-fucopyranose-(1-6)]2-acetamido-2-deoxy-beta-D-glucopyranose
3 non-polymer 2-acetamido-2-deoxy-beta-D-glucopyranose
4 non-polymer 'BORIC ACID'
5 non-polymer '(2~{S})-2-[[(2~{S})-1-[[(2~{S})-3-(4-hydroxyphenyl)-1-oxidanyl-1-oxidanylidene-propan-2-yl]amino]-1-oxidanylidene-hexan-2-yl]amino]-4-phenyl-butanoic acid'
6 non-polymer DI(HYDROXYETHYL)ETHER
7 non-polymer 1,2-ETHANEDIOL
8 non-polymer 'ZINC ION'
9 non-polymer 'CHLORIDE ION'
10 water water
#
_entity_poly.entity_id   1
_entity_poly.type   'polypeptide(L)'
_entity_poly.pdbx_seq_one_letter_code
;LVTDEAEASKFVEEYDRTSQVVWNEYAGANWNYNTNITTETSKILLQKNMQIAQHTLKYGTQARKFDVNQLQNTTIKRII
KKVQDLERAALPAQELEEYNKILLDMETTYSVATVCHPQGSCLQLEPDLTNVMATSRKYEDLLWAWEGWRDKAGRAILQF
YPKYVELINQAARLNGYVDAGDSWRSMYETPSLEQDLERLFQELQPLYLNLHAYVRRALHRHYGAQHINLEGPIPAHLLG
NMWAQTWSNIYDLVVPFPSAPSMDTTEAMLKQGWTPRRMFKEADDFFTSLGLLPVPPEFWQKSMLEKPTDGREVVCHASA
WDFYNGKDFRIKQCTTVNLEDLVVAHHEMGHIQYFMQYKDLPVALREGANPGFHEAIGDVLALSVSTPKHLHSLNLLSSE
GGSDEHDINFLMKMALDKIAFIPFSYLVDQWRWRVFDGSITKENYNQEWWSLRLKYQGLCPPVPRTQGDFDPGAKFHIPS
SVPYIRYFVSFIIQFQFHEALCQAAGHTGPLHKCDIYQSKEAGQRLATAMKLGFSRPWPEAMQLITGQPQMSASAMLSYF
KPLLDWLRTENELHGEKLGWPQYNWTPNSARSEGPLP
;
_entity_poly.pdbx_strand_id   A
#
# COMPACT_ATOMS: atom_id res chain seq x y z
N ASP A 4 26.76 -16.04 -29.66
CA ASP A 4 25.99 -14.77 -29.50
C ASP A 4 24.87 -14.95 -28.48
N GLU A 5 23.95 -15.86 -28.77
CA GLU A 5 23.01 -16.32 -27.75
C GLU A 5 23.76 -16.92 -26.57
N ALA A 6 24.95 -17.47 -26.83
CA ALA A 6 25.74 -18.10 -25.77
C ALA A 6 26.29 -17.07 -24.80
N GLU A 7 26.83 -15.96 -25.32
CA GLU A 7 27.36 -14.92 -24.44
C GLU A 7 26.25 -14.32 -23.59
N ALA A 8 25.06 -14.16 -24.17
CA ALA A 8 23.95 -13.55 -23.44
C ALA A 8 23.48 -14.47 -22.31
N SER A 9 23.40 -15.77 -22.58
CA SER A 9 23.01 -16.70 -21.53
C SER A 9 24.03 -16.70 -20.39
N LYS A 10 25.33 -16.74 -20.73
CA LYS A 10 26.36 -16.70 -19.70
C LYS A 10 26.26 -15.40 -18.90
N PHE A 11 25.99 -14.28 -19.57
CA PHE A 11 25.92 -13.01 -18.87
C PHE A 11 24.82 -13.02 -17.82
N VAL A 12 23.63 -13.53 -18.17
CA VAL A 12 22.54 -13.48 -17.20
C VAL A 12 22.83 -14.43 -16.04
N GLU A 13 23.55 -15.52 -16.28
CA GLU A 13 23.96 -16.41 -15.20
C GLU A 13 24.90 -15.70 -14.23
N GLU A 14 25.90 -14.99 -14.76
CA GLU A 14 26.83 -14.25 -13.91
C GLU A 14 26.12 -13.14 -13.17
N TYR A 15 25.20 -12.44 -13.83
CA TYR A 15 24.43 -11.41 -13.14
C TYR A 15 23.64 -11.98 -11.97
N ASP A 16 23.03 -13.15 -12.17
CA ASP A 16 22.21 -13.71 -11.10
C ASP A 16 23.06 -14.07 -9.89
N ARG A 17 24.21 -14.68 -10.13
CA ARG A 17 25.06 -15.13 -9.03
C ARG A 17 25.55 -13.95 -8.21
N THR A 18 26.07 -12.93 -8.89
CA THR A 18 26.67 -11.80 -8.18
C THR A 18 25.58 -10.94 -7.53
N SER A 19 24.43 -10.81 -8.19
CA SER A 19 23.34 -10.00 -7.62
C SER A 19 22.83 -10.58 -6.32
N GLN A 20 22.70 -11.91 -6.23
CA GLN A 20 22.26 -12.52 -4.98
C GLN A 20 23.16 -12.11 -3.83
N VAL A 21 24.47 -12.13 -4.04
CA VAL A 21 25.41 -11.83 -2.97
C VAL A 21 25.31 -10.35 -2.59
N VAL A 22 25.33 -9.47 -3.58
CA VAL A 22 25.37 -8.04 -3.30
C VAL A 22 24.05 -7.57 -2.71
N TRP A 23 22.92 -8.00 -3.29
CA TRP A 23 21.63 -7.55 -2.78
C TRP A 23 21.40 -8.07 -1.36
N ASN A 24 21.87 -9.28 -1.06
CA ASN A 24 21.75 -9.80 0.29
C ASN A 24 22.51 -8.95 1.29
N GLU A 25 23.70 -8.48 0.90
CA GLU A 25 24.47 -7.62 1.80
C GLU A 25 23.79 -6.27 1.98
N TYR A 26 23.21 -5.74 0.91
CA TYR A 26 22.54 -4.45 1.04
C TYR A 26 21.30 -4.56 1.91
N ALA A 27 20.49 -5.59 1.68
CA ALA A 27 19.31 -5.81 2.49
C ALA A 27 19.63 -5.84 3.98
N GLY A 28 20.73 -6.52 4.33
CA GLY A 28 21.10 -6.59 5.74
C GLY A 28 21.42 -5.24 6.33
N ALA A 29 22.17 -4.40 5.60
CA ALA A 29 22.50 -3.07 6.11
C ALA A 29 21.25 -2.20 6.19
N ASN A 30 20.34 -2.35 5.22
CA ASN A 30 19.10 -1.58 5.23
C ASN A 30 18.22 -2.00 6.39
N TRP A 31 18.10 -3.31 6.63
CA TRP A 31 17.36 -3.80 7.79
C TRP A 31 17.94 -3.24 9.09
N ASN A 32 19.27 -3.26 9.21
CA ASN A 32 19.90 -2.84 10.45
C ASN A 32 19.67 -1.36 10.72
N TYR A 33 19.57 -0.55 9.67
CA TYR A 33 19.23 0.85 9.89
C TYR A 33 17.74 1.00 10.22
N ASN A 34 16.87 0.31 9.47
CA ASN A 34 15.44 0.46 9.69
C ASN A 34 15.02 0.02 11.08
N THR A 35 15.74 -0.92 11.68
CA THR A 35 15.39 -1.45 12.99
C THR A 35 16.27 -0.87 14.11
N ASN A 36 17.09 0.12 13.80
CA ASN A 36 18.04 0.67 14.77
C ASN A 36 18.67 1.91 14.16
N ILE A 37 17.91 3.01 14.15
CA ILE A 37 18.35 4.25 13.51
C ILE A 37 19.46 4.84 14.39
N THR A 38 20.70 4.82 13.88
CA THR A 38 21.81 5.43 14.59
C THR A 38 22.77 6.06 13.58
N THR A 39 23.71 6.85 14.07
CA THR A 39 24.74 7.39 13.19
C THR A 39 25.53 6.26 12.52
N GLU A 40 25.87 5.22 13.28
CA GLU A 40 26.71 4.15 12.74
C GLU A 40 25.98 3.37 11.65
N THR A 41 24.75 2.91 11.93
CA THR A 41 24.04 2.14 10.92
C THR A 41 23.73 2.98 9.68
N SER A 42 23.52 4.29 9.86
N SER A 42 23.55 4.29 9.85
CA SER A 42 23.37 5.18 8.72
CA SER A 42 23.36 5.17 8.71
C SER A 42 24.60 5.14 7.84
C SER A 42 24.61 5.17 7.82
N LYS A 43 25.79 5.27 8.43
CA LYS A 43 27.03 5.32 7.67
C LYS A 43 27.24 4.01 6.91
N ILE A 44 27.02 2.87 7.57
CA ILE A 44 27.19 1.59 6.91
C ILE A 44 26.23 1.47 5.73
N LEU A 45 24.97 1.85 5.93
CA LEU A 45 24.01 1.79 4.84
C LEU A 45 24.47 2.63 3.65
N LEU A 46 24.91 3.86 3.90
CA LEU A 46 25.32 4.72 2.79
C LEU A 46 26.54 4.13 2.08
N GLN A 47 27.43 3.46 2.82
CA GLN A 47 28.55 2.77 2.20
C GLN A 47 28.06 1.61 1.33
N LYS A 48 27.11 0.82 1.83
CA LYS A 48 26.59 -0.29 1.04
C LYS A 48 25.80 0.20 -0.17
N ASN A 49 25.20 1.39 -0.08
CA ASN A 49 24.60 2.01 -1.26
C ASN A 49 25.63 2.12 -2.38
N MET A 50 26.85 2.53 -2.04
CA MET A 50 27.88 2.67 -3.06
C MET A 50 28.30 1.31 -3.62
N GLN A 51 28.33 0.28 -2.75
CA GLN A 51 28.71 -1.05 -3.21
C GLN A 51 27.70 -1.61 -4.20
N ILE A 52 26.41 -1.49 -3.91
CA ILE A 52 25.43 -2.03 -4.83
C ILE A 52 25.39 -1.20 -6.11
N ALA A 53 25.69 0.09 -6.03
CA ALA A 53 25.71 0.91 -7.24
C ALA A 53 26.87 0.51 -8.14
N GLN A 54 28.03 0.20 -7.55
CA GLN A 54 29.16 -0.28 -8.35
C GLN A 54 28.80 -1.54 -9.12
N HIS A 55 28.09 -2.48 -8.46
CA HIS A 55 27.64 -3.70 -9.11
C HIS A 55 26.65 -3.39 -10.21
N THR A 56 25.67 -2.54 -9.91
CA THR A 56 24.67 -2.18 -10.91
C THR A 56 25.33 -1.55 -12.13
N LEU A 57 26.32 -0.68 -11.92
CA LEU A 57 26.98 -0.04 -13.04
C LEU A 57 27.77 -1.03 -13.88
N LYS A 58 28.49 -1.94 -13.22
CA LYS A 58 29.27 -2.95 -13.95
C LYS A 58 28.38 -3.75 -14.87
N TYR A 59 27.30 -4.32 -14.32
CA TYR A 59 26.48 -5.24 -15.12
C TYR A 59 25.54 -4.50 -16.06
N GLY A 60 25.03 -3.34 -15.65
CA GLY A 60 24.21 -2.56 -16.56
C GLY A 60 24.99 -2.07 -17.77
N THR A 61 26.24 -1.69 -17.57
CA THR A 61 27.06 -1.26 -18.70
C THR A 61 27.28 -2.42 -19.68
N GLN A 62 27.62 -3.60 -19.17
N GLN A 62 27.56 -3.61 -19.18
CA GLN A 62 27.70 -4.77 -20.03
CA GLN A 62 27.71 -4.74 -20.08
C GLN A 62 26.37 -5.02 -20.73
C GLN A 62 26.38 -5.16 -20.70
N ALA A 63 25.28 -5.07 -19.95
CA ALA A 63 23.97 -5.37 -20.51
C ALA A 63 23.63 -4.49 -21.70
N ARG A 64 24.02 -3.23 -21.67
CA ARG A 64 23.70 -2.31 -22.75
C ARG A 64 24.49 -2.59 -24.02
N LYS A 65 25.52 -3.44 -23.97
CA LYS A 65 26.25 -3.78 -25.17
C LYS A 65 25.58 -4.89 -25.97
N PHE A 66 24.61 -5.59 -25.39
CA PHE A 66 23.83 -6.57 -26.13
C PHE A 66 22.77 -5.84 -26.95
N ASP A 67 22.65 -6.22 -28.22
CA ASP A 67 21.51 -5.79 -29.03
C ASP A 67 20.37 -6.75 -28.72
N VAL A 68 19.46 -6.33 -27.85
CA VAL A 68 18.36 -7.19 -27.43
C VAL A 68 17.52 -7.60 -28.62
N ASN A 69 17.47 -6.78 -29.66
CA ASN A 69 16.66 -7.11 -30.83
C ASN A 69 17.15 -8.40 -31.51
N GLN A 70 18.44 -8.73 -31.37
CA GLN A 70 19.00 -9.89 -32.06
C GLN A 70 18.89 -11.17 -31.23
N LEU A 71 18.49 -11.07 -29.97
CA LEU A 71 18.41 -12.27 -29.13
C LEU A 71 17.10 -13.01 -29.37
N GLN A 72 17.21 -14.34 -29.45
CA GLN A 72 16.06 -15.18 -29.75
C GLN A 72 15.30 -15.61 -28.51
N ASN A 73 16.00 -16.03 -27.46
CA ASN A 73 15.33 -16.50 -26.25
C ASN A 73 14.66 -15.31 -25.55
N THR A 74 13.35 -15.43 -25.31
CA THR A 74 12.59 -14.30 -24.80
C THR A 74 12.86 -14.03 -23.33
N THR A 75 13.16 -15.09 -22.56
CA THR A 75 13.47 -14.90 -21.14
C THR A 75 14.79 -14.17 -20.95
N ILE A 76 15.83 -14.57 -21.71
CA ILE A 76 17.11 -13.89 -21.62
C ILE A 76 16.99 -12.46 -22.15
N LYS A 77 16.25 -12.29 -23.25
CA LYS A 77 15.94 -10.96 -23.75
C LYS A 77 15.32 -10.07 -22.66
N ARG A 78 14.37 -10.64 -21.92
CA ARG A 78 13.66 -9.89 -20.90
C ARG A 78 14.56 -9.49 -19.75
N ILE A 79 15.41 -10.41 -19.29
CA ILE A 79 16.31 -10.11 -18.19
C ILE A 79 17.29 -9.02 -18.59
N ILE A 80 17.91 -9.17 -19.77
CA ILE A 80 18.94 -8.21 -20.17
C ILE A 80 18.35 -6.81 -20.31
N LYS A 81 17.17 -6.71 -20.93
CA LYS A 81 16.50 -5.42 -21.06
C LYS A 81 16.32 -4.75 -19.71
N LYS A 82 15.97 -5.54 -18.69
CA LYS A 82 15.80 -4.99 -17.35
C LYS A 82 17.12 -4.55 -16.73
N VAL A 83 18.19 -5.30 -16.95
CA VAL A 83 19.48 -4.95 -16.36
C VAL A 83 20.08 -3.72 -17.02
N GLN A 84 19.64 -3.37 -18.23
CA GLN A 84 20.07 -2.13 -18.86
C GLN A 84 19.58 -0.89 -18.14
N ASP A 85 18.63 -1.03 -17.20
CA ASP A 85 18.14 0.09 -16.39
C ASP A 85 18.95 0.12 -15.10
N LEU A 86 19.83 1.11 -14.99
CA LEU A 86 20.73 1.25 -13.85
C LEU A 86 20.08 1.98 -12.68
N GLU A 87 18.87 2.52 -12.87
CA GLU A 87 18.24 3.37 -11.88
C GLU A 87 19.25 4.38 -11.35
N ARG A 88 19.32 4.59 -10.05
CA ARG A 88 20.13 5.68 -9.52
C ARG A 88 21.62 5.49 -9.81
N ALA A 89 22.07 4.26 -10.09
CA ALA A 89 23.48 4.03 -10.38
C ALA A 89 23.91 4.65 -11.70
N ALA A 90 22.97 5.18 -12.49
CA ALA A 90 23.34 5.93 -13.69
C ALA A 90 23.86 7.33 -13.37
N LEU A 91 23.60 7.83 -12.16
CA LEU A 91 24.02 9.18 -11.81
C LEU A 91 25.54 9.27 -11.68
N PRO A 92 26.12 10.42 -11.99
CA PRO A 92 27.53 10.65 -11.64
C PRO A 92 27.74 10.50 -10.14
N ALA A 93 28.98 10.20 -9.77
CA ALA A 93 29.26 9.81 -8.38
C ALA A 93 28.82 10.88 -7.39
N GLN A 94 29.06 12.15 -7.70
CA GLN A 94 28.71 13.21 -6.76
C GLN A 94 27.21 13.28 -6.56
N GLU A 95 26.43 13.22 -7.65
CA GLU A 95 24.99 13.27 -7.53
C GLU A 95 24.42 11.99 -6.91
N LEU A 96 25.05 10.83 -7.15
CA LEU A 96 24.58 9.62 -6.50
C LEU A 96 24.70 9.72 -4.98
N GLU A 97 25.86 10.19 -4.51
CA GLU A 97 26.06 10.38 -3.08
C GLU A 97 25.01 11.32 -2.51
N GLU A 98 24.74 12.43 -3.20
CA GLU A 98 23.76 13.39 -2.72
C GLU A 98 22.36 12.78 -2.68
N TYR A 99 22.00 12.05 -3.73
CA TYR A 99 20.69 11.41 -3.79
C TYR A 99 20.50 10.43 -2.64
N ASN A 100 21.49 9.57 -2.41
CA ASN A 100 21.33 8.58 -1.34
C ASN A 100 21.19 9.27 0.00
N LYS A 101 21.91 10.37 0.22
CA LYS A 101 21.81 11.06 1.49
C LYS A 101 20.46 11.76 1.63
N ILE A 102 19.93 12.32 0.54
CA ILE A 102 18.60 12.93 0.58
C ILE A 102 17.55 11.89 0.96
N LEU A 103 17.59 10.72 0.32
CA LEU A 103 16.59 9.70 0.60
C LEU A 103 16.66 9.27 2.06
N LEU A 104 17.87 9.09 2.59
CA LEU A 104 18.01 8.70 3.98
C LEU A 104 17.49 9.79 4.90
N ASP A 105 17.80 11.04 4.59
CA ASP A 105 17.37 12.15 5.43
C ASP A 105 15.85 12.29 5.43
N MET A 106 15.23 12.08 4.27
CA MET A 106 13.77 12.18 4.19
C MET A 106 13.11 11.07 5.01
N GLU A 107 13.56 9.83 4.82
N GLU A 107 13.57 9.83 4.86
CA GLU A 107 13.00 8.70 5.57
CA GLU A 107 12.90 8.74 5.59
C GLU A 107 13.15 8.90 7.07
C GLU A 107 13.17 8.82 7.08
N THR A 108 14.37 9.22 7.49
CA THR A 108 14.63 9.41 8.92
C THR A 108 13.77 10.53 9.50
N THR A 109 13.68 11.66 8.79
CA THR A 109 12.85 12.77 9.26
C THR A 109 11.40 12.34 9.47
N TYR A 110 10.82 11.60 8.53
CA TYR A 110 9.45 11.16 8.71
C TYR A 110 9.33 10.24 9.91
N SER A 111 10.29 9.35 10.10
CA SER A 111 10.13 8.28 11.07
C SER A 111 10.44 8.71 12.49
N VAL A 112 11.08 9.85 12.69
CA VAL A 112 11.37 10.33 14.04
C VAL A 112 10.58 11.59 14.40
N ALA A 113 9.73 12.09 13.51
CA ALA A 113 8.94 13.28 13.81
C ALA A 113 7.97 13.01 14.96
N THR A 114 7.82 13.99 15.86
CA THR A 114 6.87 13.92 16.96
C THR A 114 6.09 15.23 17.06
N VAL A 115 4.92 15.16 17.68
CA VAL A 115 4.05 16.31 17.90
C VAL A 115 3.86 16.49 19.41
N CYS A 116 4.17 17.68 19.90
CA CYS A 116 4.26 17.92 21.34
C CYS A 116 3.26 18.96 21.83
N HIS A 117 2.64 18.66 22.96
CA HIS A 117 1.93 19.69 23.70
C HIS A 117 2.92 20.63 24.38
N PRO A 118 2.57 21.89 24.56
CA PRO A 118 3.49 22.82 25.22
C PRO A 118 3.62 22.50 26.70
N GLN A 119 4.86 22.38 27.18
CA GLN A 119 5.12 21.87 28.53
C GLN A 119 4.29 20.62 28.79
N GLY A 120 4.25 19.74 27.78
CA GLY A 120 3.49 18.50 27.87
C GLY A 120 4.18 17.33 27.21
N SER A 121 3.40 16.31 26.87
CA SER A 121 3.95 15.09 26.28
C SER A 121 4.11 15.23 24.77
N CYS A 122 4.96 14.39 24.21
CA CYS A 122 5.25 14.36 22.78
C CYS A 122 4.77 13.04 22.18
N LEU A 123 4.02 13.14 21.10
CA LEU A 123 3.36 11.99 20.50
C LEU A 123 4.04 11.58 19.21
N GLN A 124 4.24 10.27 19.05
CA GLN A 124 4.71 9.71 17.80
C GLN A 124 3.53 9.34 16.92
N LEU A 125 3.80 9.14 15.63
CA LEU A 125 2.72 8.77 14.72
C LEU A 125 2.13 7.42 15.09
N GLU A 126 2.97 6.40 15.27
CA GLU A 126 2.53 5.08 15.70
C GLU A 126 3.02 4.83 17.11
N PRO A 127 2.16 4.56 18.11
CA PRO A 127 0.70 4.43 17.98
C PRO A 127 -0.10 5.68 18.34
N ASP A 128 0.57 6.72 18.84
CA ASP A 128 -0.13 7.77 19.58
C ASP A 128 -1.06 8.59 18.70
N LEU A 129 -0.54 9.19 17.63
CA LEU A 129 -1.40 10.03 16.80
C LEU A 129 -2.39 9.20 15.99
N THR A 130 -1.99 8.00 15.55
CA THR A 130 -2.91 7.09 14.89
C THR A 130 -4.10 6.79 15.77
N ASN A 131 -3.84 6.57 17.07
N ASN A 131 -3.85 6.61 17.07
CA ASN A 131 -4.92 6.30 18.01
CA ASN A 131 -4.95 6.29 17.99
C ASN A 131 -5.85 7.50 18.16
C ASN A 131 -5.85 7.50 18.22
N VAL A 132 -5.28 8.70 18.25
CA VAL A 132 -6.10 9.91 18.37
C VAL A 132 -7.03 10.04 17.18
N MET A 133 -6.49 9.90 15.97
CA MET A 133 -7.32 10.05 14.79
C MET A 133 -8.41 8.99 14.75
N ALA A 134 -8.15 7.80 15.30
CA ALA A 134 -9.09 6.70 15.19
C ALA A 134 -10.22 6.77 16.20
N THR A 135 -9.96 7.35 17.37
CA THR A 135 -10.89 7.26 18.48
C THR A 135 -11.44 8.59 18.96
N SER A 136 -10.72 9.69 18.75
CA SER A 136 -11.25 10.96 19.22
C SER A 136 -12.45 11.38 18.39
N ARG A 137 -13.46 11.93 19.06
CA ARG A 137 -14.64 12.47 18.40
C ARG A 137 -14.83 13.94 18.75
N LYS A 138 -13.76 14.62 19.11
CA LYS A 138 -13.76 16.05 19.40
C LYS A 138 -13.06 16.77 18.26
N TYR A 139 -13.79 17.67 17.60
CA TYR A 139 -13.29 18.35 16.41
C TYR A 139 -11.92 18.97 16.64
N GLU A 140 -11.73 19.64 17.78
CA GLU A 140 -10.49 20.37 18.00
C GLU A 140 -9.32 19.47 18.37
N ASP A 141 -9.59 18.33 19.00
CA ASP A 141 -8.51 17.41 19.30
C ASP A 141 -8.03 16.71 18.03
N LEU A 142 -8.96 16.33 17.17
CA LEU A 142 -8.61 15.81 15.86
C LEU A 142 -7.85 16.84 15.05
N LEU A 143 -8.24 18.11 15.13
CA LEU A 143 -7.55 19.15 14.37
C LEU A 143 -6.11 19.33 14.87
N TRP A 144 -5.91 19.30 16.18
CA TRP A 144 -4.56 19.44 16.73
C TRP A 144 -3.63 18.35 16.18
N ALA A 145 -4.12 17.11 16.16
CA ALA A 145 -3.31 15.99 15.68
C ALA A 145 -3.06 16.09 14.18
N TRP A 146 -4.10 16.42 13.41
CA TRP A 146 -3.99 16.52 11.97
C TRP A 146 -3.03 17.62 11.56
N GLU A 147 -3.20 18.82 12.13
CA GLU A 147 -2.36 19.95 11.77
C GLU A 147 -0.95 19.77 12.32
N GLY A 148 -0.85 19.27 13.55
CA GLY A 148 0.46 19.11 14.16
C GLY A 148 1.35 18.15 13.40
N TRP A 149 0.77 17.03 12.94
CA TRP A 149 1.56 16.07 12.17
C TRP A 149 2.06 16.71 10.87
N ARG A 150 1.22 17.49 10.19
CA ARG A 150 1.68 18.12 8.96
C ARG A 150 2.70 19.21 9.23
N ASP A 151 2.54 19.95 10.33
CA ASP A 151 3.51 20.99 10.67
C ASP A 151 4.88 20.39 10.95
N LYS A 152 4.93 19.23 11.62
CA LYS A 152 6.21 18.67 12.03
C LYS A 152 6.81 17.77 10.96
N ALA A 153 6.04 16.85 10.39
CA ALA A 153 6.58 15.94 9.39
C ALA A 153 6.57 16.55 8.00
N GLY A 154 5.43 17.07 7.55
CA GLY A 154 5.35 17.57 6.19
C GLY A 154 6.27 18.74 5.94
N ARG A 155 6.21 19.75 6.80
CA ARG A 155 7.00 20.95 6.57
C ARG A 155 8.49 20.63 6.56
N ALA A 156 8.92 19.62 7.32
CA ALA A 156 10.33 19.28 7.42
C ALA A 156 10.85 18.52 6.20
N ILE A 157 9.96 17.93 5.39
CA ILE A 157 10.38 17.24 4.17
C ILE A 157 10.57 18.21 3.01
N LEU A 158 9.93 19.39 3.06
CA LEU A 158 9.96 20.31 1.94
C LEU A 158 11.36 20.72 1.54
N GLN A 159 12.28 20.88 2.51
CA GLN A 159 13.61 21.34 2.16
C GLN A 159 14.35 20.35 1.27
N PHE A 160 13.95 19.07 1.29
CA PHE A 160 14.60 18.05 0.50
C PHE A 160 13.94 17.78 -0.84
N TYR A 161 12.65 18.06 -0.95
CA TYR A 161 11.90 17.41 -2.02
C TYR A 161 12.31 17.94 -3.40
N PRO A 162 12.53 19.23 -3.59
CA PRO A 162 12.92 19.68 -4.95
C PRO A 162 14.19 19.03 -5.45
N LYS A 163 15.21 18.88 -4.59
CA LYS A 163 16.45 18.25 -5.05
C LYS A 163 16.24 16.76 -5.31
N TYR A 164 15.42 16.10 -4.49
CA TYR A 164 15.02 14.73 -4.75
C TYR A 164 14.42 14.57 -6.13
N VAL A 165 13.49 15.46 -6.48
CA VAL A 165 12.82 15.40 -7.79
C VAL A 165 13.84 15.56 -8.90
N GLU A 166 14.74 16.55 -8.77
CA GLU A 166 15.74 16.78 -9.80
C GLU A 166 16.59 15.53 -10.03
N LEU A 167 17.03 14.88 -8.95
CA LEU A 167 17.95 13.76 -9.07
C LEU A 167 17.24 12.48 -9.53
N ILE A 168 16.03 12.21 -9.04
CA ILE A 168 15.35 11.00 -9.50
C ILE A 168 14.96 11.14 -10.97
N ASN A 169 14.60 12.35 -11.41
CA ASN A 169 14.34 12.57 -12.83
C ASN A 169 15.62 12.45 -13.66
N GLN A 170 16.73 13.00 -13.15
CA GLN A 170 17.99 12.90 -13.90
C GLN A 170 18.37 11.44 -14.10
N ALA A 171 18.23 10.62 -13.06
CA ALA A 171 18.53 9.20 -13.21
C ALA A 171 17.60 8.56 -14.23
N ALA A 172 16.32 8.93 -14.20
CA ALA A 172 15.37 8.37 -15.15
C ALA A 172 15.75 8.71 -16.58
N ARG A 173 16.15 9.95 -16.83
CA ARG A 173 16.54 10.34 -18.19
C ARG A 173 17.78 9.60 -18.64
N LEU A 174 18.74 9.40 -17.73
CA LEU A 174 19.95 8.65 -18.05
C LEU A 174 19.67 7.18 -18.34
N ASN A 175 18.47 6.69 -18.03
CA ASN A 175 18.09 5.32 -18.32
C ASN A 175 17.05 5.22 -19.42
N GLY A 176 16.84 6.30 -20.17
CA GLY A 176 16.03 6.26 -21.37
C GLY A 176 14.58 6.68 -21.21
N TYR A 177 14.17 7.12 -20.03
CA TYR A 177 12.81 7.57 -19.76
C TYR A 177 12.75 9.09 -19.87
N VAL A 178 11.53 9.64 -19.91
CA VAL A 178 11.45 11.09 -19.99
C VAL A 178 11.50 11.73 -18.60
N ASP A 179 11.03 11.01 -17.58
CA ASP A 179 11.05 11.46 -16.18
C ASP A 179 10.79 10.24 -15.30
N ALA A 180 10.87 10.46 -13.98
CA ALA A 180 10.75 9.32 -13.06
C ALA A 180 9.34 8.74 -13.06
N GLY A 181 8.31 9.55 -13.30
CA GLY A 181 6.96 9.00 -13.37
C GLY A 181 6.78 8.06 -14.54
N ASP A 182 7.34 8.43 -15.69
CA ASP A 182 7.39 7.55 -16.86
C ASP A 182 8.05 6.22 -16.50
N SER A 183 9.18 6.26 -15.78
CA SER A 183 9.86 5.02 -15.43
C SER A 183 9.01 4.17 -14.49
N TRP A 184 8.28 4.80 -13.57
CA TRP A 184 7.42 4.05 -12.65
C TRP A 184 6.25 3.40 -13.39
N ARG A 185 5.58 4.15 -14.26
CA ARG A 185 4.46 3.57 -15.02
C ARG A 185 4.93 2.40 -15.88
N SER A 186 6.17 2.44 -16.35
N SER A 186 6.16 2.43 -16.38
CA SER A 186 6.67 1.37 -17.23
CA SER A 186 6.64 1.36 -17.24
C SER A 186 6.69 0.02 -16.54
C SER A 186 6.78 0.03 -16.51
N MET A 187 6.72 -0.02 -15.22
N MET A 187 6.70 0.01 -15.18
CA MET A 187 6.75 -1.29 -14.50
CA MET A 187 6.72 -1.24 -14.43
C MET A 187 5.52 -2.13 -14.77
C MET A 187 5.53 -2.13 -14.77
N TYR A 188 4.44 -1.54 -15.28
CA TYR A 188 3.23 -2.28 -15.64
C TYR A 188 3.26 -2.82 -17.07
N GLU A 189 4.20 -2.38 -17.90
CA GLU A 189 4.33 -2.86 -19.28
C GLU A 189 3.00 -2.74 -20.02
N THR A 190 2.27 -1.66 -19.75
CA THR A 190 0.93 -1.45 -20.30
C THR A 190 0.82 -0.03 -20.84
N PRO A 191 0.97 0.16 -22.15
CA PRO A 191 0.95 1.53 -22.69
C PRO A 191 -0.35 2.27 -22.39
N SER A 192 -1.46 1.55 -22.29
CA SER A 192 -2.77 2.14 -22.02
C SER A 192 -3.04 2.37 -20.53
N LEU A 193 -2.01 2.28 -19.67
CA LEU A 193 -2.24 2.29 -18.23
C LEU A 193 -3.08 3.48 -17.78
N GLU A 194 -2.72 4.69 -18.20
CA GLU A 194 -3.40 5.86 -17.65
C GLU A 194 -4.88 5.85 -18.01
N GLN A 195 -5.20 5.47 -19.25
CA GLN A 195 -6.61 5.43 -19.65
C GLN A 195 -7.32 4.28 -18.96
N ASP A 196 -6.63 3.14 -18.80
CA ASP A 196 -7.23 2.00 -18.14
C ASP A 196 -7.61 2.34 -16.70
N LEU A 197 -6.71 3.02 -15.99
CA LEU A 197 -6.98 3.33 -14.59
C LEU A 197 -8.08 4.38 -14.47
N GLU A 198 -8.12 5.35 -15.40
CA GLU A 198 -9.19 6.34 -15.41
C GLU A 198 -10.56 5.68 -15.60
N ARG A 199 -10.65 4.70 -16.52
CA ARG A 199 -11.92 4.02 -16.73
C ARG A 199 -12.36 3.26 -15.49
N LEU A 200 -11.42 2.58 -14.83
CA LEU A 200 -11.73 1.86 -13.58
C LEU A 200 -12.19 2.84 -12.50
N PHE A 201 -11.51 3.97 -12.37
CA PHE A 201 -11.92 4.96 -11.38
C PHE A 201 -13.34 5.44 -11.66
N GLN A 202 -13.66 5.67 -12.93
CA GLN A 202 -15.00 6.16 -13.26
C GLN A 202 -16.07 5.14 -12.91
N GLU A 203 -15.76 3.85 -13.08
CA GLU A 203 -16.75 2.82 -12.78
C GLU A 203 -17.09 2.77 -11.29
N LEU A 204 -16.17 3.19 -10.42
N LEU A 204 -16.16 3.18 -10.43
CA LEU A 204 -16.41 3.16 -8.99
CA LEU A 204 -16.37 3.17 -8.98
C LEU A 204 -17.00 4.46 -8.46
C LEU A 204 -17.05 4.44 -8.47
N GLN A 205 -17.37 5.38 -9.34
CA GLN A 205 -17.90 6.67 -8.89
C GLN A 205 -19.30 6.54 -8.26
N PRO A 206 -20.23 5.78 -8.86
CA PRO A 206 -21.52 5.60 -8.19
C PRO A 206 -21.36 5.19 -6.73
N LEU A 207 -20.53 4.19 -6.47
CA LEU A 207 -20.36 3.72 -5.11
C LEU A 207 -19.69 4.77 -4.24
N TYR A 208 -18.60 5.37 -4.72
CA TYR A 208 -17.90 6.33 -3.87
C TYR A 208 -18.77 7.55 -3.58
N LEU A 209 -19.43 8.10 -4.61
CA LEU A 209 -20.25 9.29 -4.38
C LEU A 209 -21.36 9.00 -3.38
N ASN A 210 -21.97 7.82 -3.46
CA ASN A 210 -23.05 7.50 -2.54
C ASN A 210 -22.52 7.27 -1.14
N LEU A 211 -21.36 6.62 -1.00
CA LEU A 211 -20.76 6.46 0.32
C LEU A 211 -20.38 7.80 0.92
N HIS A 212 -19.77 8.68 0.11
CA HIS A 212 -19.36 10.01 0.55
C HIS A 212 -20.55 10.81 1.07
N ALA A 213 -21.65 10.81 0.33
CA ALA A 213 -22.81 11.59 0.75
C ALA A 213 -23.42 11.05 2.03
N TYR A 214 -23.44 9.73 2.19
CA TYR A 214 -23.99 9.12 3.40
C TYR A 214 -23.13 9.42 4.62
N VAL A 215 -21.81 9.32 4.48
CA VAL A 215 -20.92 9.64 5.58
C VAL A 215 -20.98 11.14 5.90
N ARG A 216 -21.02 11.99 4.86
CA ARG A 216 -21.15 13.42 5.10
C ARG A 216 -22.38 13.75 5.94
N ARG A 217 -23.51 13.10 5.63
CA ARG A 217 -24.74 13.30 6.40
C ARG A 217 -24.53 12.87 7.85
N ALA A 218 -23.88 11.73 8.07
CA ALA A 218 -23.65 11.26 9.43
C ALA A 218 -22.70 12.19 10.19
N LEU A 219 -21.70 12.74 9.51
CA LEU A 219 -20.81 13.68 10.18
C LEU A 219 -21.55 14.97 10.55
N HIS A 220 -22.47 15.41 9.68
CA HIS A 220 -23.33 16.55 9.97
C HIS A 220 -24.12 16.32 11.24
N ARG A 221 -24.62 15.10 11.43
CA ARG A 221 -25.38 14.76 12.62
C ARG A 221 -24.52 14.86 13.86
N HIS A 222 -23.26 14.41 13.79
CA HIS A 222 -22.42 14.38 14.98
C HIS A 222 -21.70 15.69 15.24
N TYR A 223 -21.08 16.28 14.23
CA TYR A 223 -20.21 17.44 14.44
C TYR A 223 -20.90 18.78 14.25
N GLY A 224 -22.14 18.79 13.77
CA GLY A 224 -22.94 19.99 13.74
C GLY A 224 -23.08 20.58 12.35
N ALA A 225 -24.25 21.19 12.10
CA ALA A 225 -24.51 21.79 10.79
C ALA A 225 -23.54 22.93 10.50
N GLN A 226 -23.00 23.58 11.53
CA GLN A 226 -22.08 24.69 11.28
C GLN A 226 -20.72 24.22 10.78
N HIS A 227 -20.41 22.92 10.88
CA HIS A 227 -19.10 22.39 10.52
C HIS A 227 -19.13 21.47 9.33
N ILE A 228 -20.31 21.09 8.84
CA ILE A 228 -20.45 20.19 7.70
C ILE A 228 -21.42 20.82 6.70
N ASN A 229 -20.93 21.04 5.49
CA ASN A 229 -21.75 21.50 4.36
C ASN A 229 -22.27 20.29 3.60
N LEU A 230 -23.60 20.11 3.60
CA LEU A 230 -24.20 18.94 2.99
C LEU A 230 -24.08 18.91 1.48
N GLU A 231 -23.62 20.00 0.86
CA GLU A 231 -23.38 20.04 -0.58
C GLU A 231 -21.90 20.24 -0.90
N GLY A 232 -21.03 20.08 0.09
CA GLY A 232 -19.63 20.37 -0.10
C GLY A 232 -18.70 19.23 0.27
N PRO A 233 -17.39 19.51 0.23
CA PRO A 233 -16.42 18.50 0.63
C PRO A 233 -16.42 18.30 2.13
N ILE A 234 -15.89 17.15 2.55
CA ILE A 234 -15.81 16.76 3.95
C ILE A 234 -14.47 17.22 4.54
N PRO A 235 -14.45 17.81 5.73
CA PRO A 235 -13.16 18.17 6.35
C PRO A 235 -12.29 16.94 6.60
N ALA A 236 -11.01 17.04 6.24
CA ALA A 236 -10.18 15.84 6.07
C ALA A 236 -9.71 15.21 7.38
N HIS A 237 -10.02 15.79 8.53
CA HIS A 237 -9.56 15.24 9.81
C HIS A 237 -10.63 14.42 10.52
N LEU A 238 -11.78 14.18 9.89
CA LEU A 238 -12.93 13.60 10.59
C LEU A 238 -13.20 12.15 10.21
N LEU A 239 -12.30 11.51 9.46
CA LEU A 239 -12.60 10.21 8.88
C LEU A 239 -11.92 9.05 9.59
N GLY A 240 -11.27 9.28 10.73
CA GLY A 240 -10.74 8.21 11.55
C GLY A 240 -9.31 7.79 11.23
N ASN A 241 -8.67 8.48 10.29
CA ASN A 241 -7.37 8.09 9.72
C ASN A 241 -6.64 9.37 9.38
N MET A 242 -5.32 9.38 9.62
CA MET A 242 -4.54 10.59 9.46
C MET A 242 -4.64 11.16 8.04
N TRP A 243 -4.81 10.30 7.03
CA TRP A 243 -4.85 10.71 5.63
C TRP A 243 -6.24 10.60 5.04
N ALA A 244 -7.24 10.25 5.85
CA ALA A 244 -8.60 10.02 5.37
C ALA A 244 -8.61 9.03 4.21
N GLN A 245 -7.69 8.08 4.23
CA GLN A 245 -7.58 7.12 3.13
C GLN A 245 -8.45 5.90 3.34
N THR A 246 -8.73 5.54 4.59
N THR A 246 -8.81 5.63 4.60
CA THR A 246 -9.70 4.52 4.94
CA THR A 246 -9.65 4.52 5.03
C THR A 246 -10.55 5.13 6.04
C THR A 246 -10.53 5.03 6.17
N TRP A 247 -11.82 4.73 6.12
CA TRP A 247 -12.78 5.39 6.98
C TRP A 247 -13.38 4.45 8.01
N SER A 248 -12.88 3.22 8.15
CA SER A 248 -13.58 2.25 8.97
C SER A 248 -13.58 2.60 10.44
N ASN A 249 -12.67 3.47 10.89
CA ASN A 249 -12.65 3.79 12.30
C ASN A 249 -13.80 4.70 12.72
N ILE A 250 -14.54 5.29 11.79
CA ILE A 250 -15.75 6.03 12.15
C ILE A 250 -17.01 5.20 11.91
N TYR A 251 -16.88 3.87 11.81
CA TYR A 251 -18.05 3.01 11.69
C TYR A 251 -19.13 3.33 12.73
N ASP A 252 -18.71 3.57 13.98
CA ASP A 252 -19.68 3.85 15.05
C ASP A 252 -20.56 5.06 14.74
N LEU A 253 -20.07 6.02 13.96
CA LEU A 253 -20.88 7.20 13.63
C LEU A 253 -21.83 6.95 12.46
N VAL A 254 -21.61 5.89 11.68
CA VAL A 254 -22.35 5.72 10.44
C VAL A 254 -23.06 4.37 10.33
N VAL A 255 -23.19 3.66 11.45
CA VAL A 255 -23.79 2.33 11.43
C VAL A 255 -25.14 2.32 10.72
N PRO A 256 -25.32 1.53 9.65
CA PRO A 256 -26.62 1.53 8.97
C PRO A 256 -27.77 1.08 9.86
N PHE A 257 -27.58 0.01 10.63
CA PHE A 257 -28.63 -0.57 11.47
C PHE A 257 -28.09 -0.63 12.91
N PRO A 258 -28.20 0.47 13.64
CA PRO A 258 -27.73 0.47 15.04
C PRO A 258 -28.42 -0.56 15.93
N SER A 259 -29.63 -0.99 15.58
CA SER A 259 -30.30 -2.04 16.35
C SER A 259 -29.58 -3.38 16.25
N ALA A 260 -28.61 -3.52 15.35
CA ALA A 260 -27.79 -4.71 15.21
C ALA A 260 -26.37 -4.35 15.66
N PRO A 261 -26.09 -4.38 16.96
CA PRO A 261 -24.77 -3.92 17.44
C PRO A 261 -23.67 -4.90 17.07
N SER A 262 -22.47 -4.36 16.87
CA SER A 262 -21.27 -5.14 16.55
C SER A 262 -20.36 -5.23 17.77
N MET A 263 -19.69 -6.38 17.92
CA MET A 263 -18.76 -6.54 19.02
C MET A 263 -17.60 -5.56 18.88
N ASP A 264 -17.07 -5.13 20.03
CA ASP A 264 -15.85 -4.33 20.05
C ASP A 264 -14.70 -5.30 19.80
N THR A 265 -14.18 -5.31 18.58
CA THR A 265 -13.18 -6.30 18.22
C THR A 265 -11.85 -6.04 18.92
N THR A 266 -11.50 -4.77 19.17
CA THR A 266 -10.24 -4.50 19.85
C THR A 266 -10.29 -5.03 21.29
N GLU A 267 -11.36 -4.71 22.03
CA GLU A 267 -11.44 -5.21 23.40
C GLU A 267 -11.52 -6.74 23.43
N ALA A 268 -12.16 -7.34 22.42
CA ALA A 268 -12.21 -8.80 22.37
C ALA A 268 -10.82 -9.39 22.16
N MET A 269 -10.02 -8.78 21.27
CA MET A 269 -8.66 -9.26 21.07
C MET A 269 -7.82 -9.10 22.33
N LEU A 270 -7.93 -7.92 22.96
CA LEU A 270 -7.19 -7.67 24.19
C LEU A 270 -7.69 -8.55 25.33
N LYS A 271 -9.00 -8.66 25.50
CA LYS A 271 -9.54 -9.50 26.56
C LYS A 271 -9.05 -10.93 26.44
N GLN A 272 -8.90 -11.43 25.21
CA GLN A 272 -8.54 -12.81 24.96
C GLN A 272 -7.04 -13.01 24.81
N GLY A 273 -6.24 -12.02 25.20
CA GLY A 273 -4.81 -12.20 25.24
C GLY A 273 -4.11 -12.25 23.91
N TRP A 274 -4.70 -11.68 22.86
CA TRP A 274 -4.01 -11.63 21.58
C TRP A 274 -2.73 -10.81 21.71
N THR A 275 -1.73 -11.21 20.96
CA THR A 275 -0.43 -10.56 20.90
C THR A 275 -0.07 -10.38 19.44
N PRO A 276 0.90 -9.53 19.13
CA PRO A 276 1.40 -9.48 17.75
C PRO A 276 1.80 -10.84 17.21
N ARG A 277 2.47 -11.68 18.01
CA ARG A 277 2.87 -12.99 17.52
C ARG A 277 1.66 -13.84 17.15
N ARG A 278 0.61 -13.80 17.97
CA ARG A 278 -0.63 -14.52 17.64
C ARG A 278 -1.18 -14.06 16.29
N MET A 279 -1.16 -12.75 16.05
CA MET A 279 -1.73 -12.22 14.81
C MET A 279 -1.01 -12.77 13.60
N PHE A 280 0.32 -12.86 13.64
CA PHE A 280 1.06 -13.38 12.50
C PHE A 280 0.92 -14.89 12.39
N LYS A 281 0.77 -15.59 13.52
CA LYS A 281 0.52 -17.03 13.47
C LYS A 281 -0.82 -17.35 12.81
N GLU A 282 -1.84 -16.53 13.08
CA GLU A 282 -3.12 -16.74 12.42
C GLU A 282 -3.01 -16.53 10.92
N ALA A 283 -2.26 -15.51 10.50
CA ALA A 283 -2.07 -15.28 9.06
C ALA A 283 -1.32 -16.46 8.44
N ASP A 284 -0.27 -16.94 9.09
CA ASP A 284 0.47 -18.11 8.60
C ASP A 284 -0.47 -19.30 8.44
N ASP A 285 -1.38 -19.49 9.40
CA ASP A 285 -2.31 -20.61 9.32
C ASP A 285 -3.26 -20.48 8.13
N PHE A 286 -3.69 -19.25 7.82
CA PHE A 286 -4.59 -19.07 6.68
C PHE A 286 -3.88 -19.48 5.39
N PHE A 287 -2.64 -19.01 5.20
CA PHE A 287 -1.90 -19.38 3.99
C PHE A 287 -1.74 -20.89 3.88
N THR A 288 -1.30 -21.55 4.96
CA THR A 288 -1.10 -22.99 4.86
C THR A 288 -2.42 -23.74 4.74
N SER A 289 -3.52 -23.17 5.23
CA SER A 289 -4.82 -23.82 5.03
C SER A 289 -5.17 -23.91 3.55
N LEU A 290 -4.62 -23.02 2.72
CA LEU A 290 -4.85 -23.04 1.29
C LEU A 290 -3.87 -23.94 0.56
N GLY A 291 -3.00 -24.62 1.29
CA GLY A 291 -1.94 -25.40 0.69
C GLY A 291 -0.74 -24.58 0.27
N LEU A 292 -0.67 -23.33 0.67
CA LEU A 292 0.47 -22.47 0.35
C LEU A 292 1.57 -22.70 1.40
N LEU A 293 2.66 -21.98 1.27
CA LEU A 293 3.87 -22.32 2.02
C LEU A 293 3.87 -21.67 3.41
N PRO A 294 4.34 -22.40 4.43
CA PRO A 294 4.56 -21.77 5.74
C PRO A 294 5.81 -20.91 5.71
N VAL A 295 5.83 -19.87 6.53
CA VAL A 295 7.06 -19.08 6.64
C VAL A 295 8.10 -19.96 7.35
N PRO A 296 9.39 -19.80 7.06
CA PRO A 296 10.42 -20.64 7.67
C PRO A 296 10.61 -20.32 9.13
N PRO A 297 11.18 -21.24 9.91
CA PRO A 297 11.51 -20.92 11.32
C PRO A 297 12.34 -19.67 11.46
N GLU A 298 13.24 -19.39 10.51
CA GLU A 298 14.07 -18.20 10.57
C GLU A 298 13.21 -16.93 10.64
N PHE A 299 12.05 -16.94 9.99
CA PHE A 299 11.18 -15.77 10.01
C PHE A 299 10.82 -15.37 11.44
N TRP A 300 10.50 -16.34 12.28
CA TRP A 300 10.07 -16.04 13.65
C TRP A 300 11.23 -15.57 14.53
N GLN A 301 12.46 -15.94 14.18
CA GLN A 301 13.59 -15.54 14.99
C GLN A 301 14.08 -14.13 14.66
N LYS A 302 13.94 -13.71 13.40
CA LYS A 302 14.59 -12.48 12.95
C LYS A 302 13.63 -11.33 12.68
N SER A 303 12.33 -11.59 12.61
CA SER A 303 11.38 -10.52 12.36
C SER A 303 11.25 -9.61 13.58
N MET A 304 10.84 -8.37 13.32
CA MET A 304 10.55 -7.38 14.36
C MET A 304 9.05 -7.14 14.27
N LEU A 305 8.28 -7.79 15.14
CA LEU A 305 6.83 -7.77 15.04
C LEU A 305 6.16 -6.82 16.04
N GLU A 306 6.95 -6.16 16.87
CA GLU A 306 6.44 -5.14 17.78
C GLU A 306 7.50 -4.06 17.94
N LYS A 307 7.06 -2.89 18.38
CA LYS A 307 7.97 -1.77 18.59
C LYS A 307 8.96 -2.09 19.71
N PRO A 308 10.27 -1.91 19.49
CA PRO A 308 11.24 -2.20 20.56
C PRO A 308 11.01 -1.34 21.79
N THR A 309 11.40 -1.87 22.95
CA THR A 309 11.30 -1.14 24.20
C THR A 309 12.66 -0.81 24.81
N ASP A 310 13.75 -1.10 24.11
CA ASP A 310 15.10 -0.95 24.66
C ASP A 310 15.77 0.34 24.22
N GLY A 311 14.99 1.36 23.88
CA GLY A 311 15.52 2.66 23.54
C GLY A 311 15.72 2.91 22.06
N ARG A 312 15.77 1.86 21.25
CA ARG A 312 16.05 2.03 19.83
C ARG A 312 14.99 2.90 19.16
N GLU A 313 15.42 3.71 18.20
CA GLU A 313 14.52 4.34 17.25
C GLU A 313 14.42 3.47 16.01
N VAL A 314 13.20 3.31 15.48
CA VAL A 314 12.99 2.46 14.33
C VAL A 314 12.06 3.14 13.33
N VAL A 315 12.07 2.62 12.11
CA VAL A 315 11.03 2.89 11.12
C VAL A 315 9.87 1.95 11.43
N CYS A 316 8.79 2.51 11.98
CA CYS A 316 7.68 1.65 12.39
C CYS A 316 6.82 1.21 11.23
N HIS A 317 6.82 1.95 10.12
CA HIS A 317 5.91 1.64 9.03
C HIS A 317 6.10 0.21 8.54
N ALA A 318 5.01 -0.55 8.50
CA ALA A 318 5.10 -1.99 8.27
C ALA A 318 5.64 -2.31 6.89
N SER A 319 6.50 -3.33 6.82
CA SER A 319 7.07 -3.73 5.54
C SER A 319 7.60 -5.15 5.62
N ALA A 320 7.69 -5.77 4.44
CA ALA A 320 8.13 -7.15 4.26
C ALA A 320 9.42 -7.17 3.47
N TRP A 321 10.32 -8.10 3.82
CA TRP A 321 11.70 -8.05 3.38
C TRP A 321 12.15 -9.39 2.82
N ASP A 322 12.69 -9.35 1.61
CA ASP A 322 13.33 -10.47 0.92
C ASP A 322 14.84 -10.22 0.98
N PHE A 323 15.59 -11.19 1.48
CA PHE A 323 17.03 -11.05 1.59
C PHE A 323 17.78 -11.76 0.47
N TYR A 324 17.04 -12.26 -0.53
CA TYR A 324 17.59 -12.69 -1.82
C TYR A 324 18.50 -13.89 -1.71
N ASN A 325 18.27 -14.74 -0.72
CA ASN A 325 18.98 -16.01 -0.64
C ASN A 325 18.05 -17.20 -0.58
N GLY A 326 16.75 -16.99 -0.77
CA GLY A 326 15.79 -18.07 -0.79
C GLY A 326 15.45 -18.68 0.55
N LYS A 327 15.95 -18.12 1.65
CA LYS A 327 15.73 -18.69 2.97
C LYS A 327 15.34 -17.66 4.04
N ASP A 328 15.77 -16.41 3.87
CA ASP A 328 15.66 -15.38 4.89
C ASP A 328 14.62 -14.37 4.43
N PHE A 329 13.46 -14.38 5.08
CA PHE A 329 12.35 -13.47 4.80
C PHE A 329 11.89 -12.92 6.15
N ARG A 330 11.57 -11.63 6.21
CA ARG A 330 11.24 -11.03 7.49
C ARG A 330 10.17 -9.94 7.34
N ILE A 331 9.44 -9.70 8.42
CA ILE A 331 8.51 -8.57 8.50
C ILE A 331 8.99 -7.63 9.60
N LYS A 332 8.85 -6.33 9.36
CA LYS A 332 9.19 -5.28 10.30
C LYS A 332 7.94 -4.41 10.49
N GLN A 333 7.29 -4.53 11.64
CA GLN A 333 6.02 -3.86 11.88
C GLN A 333 5.89 -3.52 13.36
N CYS A 334 5.51 -2.29 13.67
CA CYS A 334 5.23 -1.92 15.06
C CYS A 334 3.77 -2.26 15.38
N THR A 335 3.53 -3.57 15.52
CA THR A 335 2.17 -4.09 15.57
C THR A 335 1.43 -3.63 16.81
N THR A 336 0.18 -3.20 16.62
CA THR A 336 -0.77 -2.92 17.69
C THR A 336 -1.85 -3.98 17.65
N VAL A 337 -2.35 -4.37 18.82
CA VAL A 337 -3.35 -5.43 18.89
C VAL A 337 -4.73 -4.84 18.58
N ASN A 338 -5.12 -4.87 17.31
CA ASN A 338 -6.47 -4.49 16.91
C ASN A 338 -6.74 -5.14 15.55
N LEU A 339 -7.99 -5.02 15.10
CA LEU A 339 -8.37 -5.69 13.86
C LEU A 339 -7.69 -5.06 12.65
N GLU A 340 -7.50 -3.74 12.68
CA GLU A 340 -6.82 -3.07 11.57
C GLU A 340 -5.44 -3.65 11.34
N ASP A 341 -4.66 -3.83 12.41
CA ASP A 341 -3.32 -4.38 12.25
C ASP A 341 -3.32 -5.87 11.95
N LEU A 342 -4.41 -6.57 12.29
CA LEU A 342 -4.53 -7.96 11.84
C LEU A 342 -4.63 -8.02 10.32
N VAL A 343 -5.37 -7.08 9.71
CA VAL A 343 -5.39 -6.98 8.27
C VAL A 343 -4.01 -6.62 7.73
N VAL A 344 -3.32 -5.67 8.36
CA VAL A 344 -1.97 -5.34 7.94
C VAL A 344 -1.07 -6.57 8.00
N ALA A 345 -1.21 -7.37 9.07
CA ALA A 345 -0.36 -8.56 9.18
C ALA A 345 -0.59 -9.51 8.00
N HIS A 346 -1.86 -9.68 7.59
CA HIS A 346 -2.12 -10.53 6.43
C HIS A 346 -1.55 -9.91 5.16
N HIS A 347 -1.69 -8.58 5.01
CA HIS A 347 -1.10 -7.91 3.86
C HIS A 347 0.38 -8.22 3.74
N GLU A 348 1.12 -8.07 4.84
CA GLU A 348 2.57 -8.26 4.80
C GLU A 348 2.93 -9.72 4.61
N MET A 349 2.15 -10.63 5.18
CA MET A 349 2.41 -12.06 4.99
C MET A 349 2.15 -12.49 3.55
N GLY A 350 1.30 -11.77 2.83
CA GLY A 350 1.15 -12.01 1.41
C GLY A 350 2.40 -11.65 0.61
N HIS A 351 3.07 -10.56 1.00
CA HIS A 351 4.37 -10.26 0.41
C HIS A 351 5.36 -11.39 0.66
N ILE A 352 5.42 -11.86 1.92
CA ILE A 352 6.32 -12.97 2.24
C ILE A 352 5.97 -14.20 1.40
N GLN A 353 4.68 -14.50 1.25
CA GLN A 353 4.31 -15.67 0.45
C GLN A 353 4.82 -15.53 -0.97
N TYR A 354 4.69 -14.37 -1.57
CA TYR A 354 5.17 -14.16 -2.93
C TYR A 354 6.67 -14.36 -3.01
N PHE A 355 7.43 -13.82 -2.04
CA PHE A 355 8.87 -14.05 -2.00
C PHE A 355 9.19 -15.54 -2.05
N MET A 356 8.47 -16.34 -1.27
CA MET A 356 8.77 -17.77 -1.20
C MET A 356 8.36 -18.48 -2.48
N GLN A 357 7.29 -18.02 -3.14
CA GLN A 357 6.82 -18.70 -4.34
C GLN A 357 7.73 -18.49 -5.53
N TYR A 358 8.37 -17.33 -5.65
CA TYR A 358 9.22 -17.09 -6.81
C TYR A 358 10.71 -17.14 -6.47
N LYS A 359 11.07 -17.77 -5.35
CA LYS A 359 12.45 -17.74 -4.91
C LYS A 359 13.41 -18.49 -5.82
N ASP A 360 12.92 -19.37 -6.68
CA ASP A 360 13.79 -20.12 -7.58
C ASP A 360 13.93 -19.47 -8.96
N LEU A 361 13.31 -18.33 -9.19
CA LEU A 361 13.55 -17.57 -10.41
C LEU A 361 14.84 -16.79 -10.29
N PRO A 362 15.47 -16.44 -11.41
CA PRO A 362 16.57 -15.46 -11.36
C PRO A 362 16.10 -14.16 -10.75
N VAL A 363 17.00 -13.50 -10.01
CA VAL A 363 16.58 -12.38 -9.17
C VAL A 363 15.94 -11.26 -10.00
N ALA A 364 16.34 -11.12 -11.27
CA ALA A 364 15.77 -10.06 -12.10
C ALA A 364 14.27 -10.23 -12.32
N LEU A 365 13.76 -11.46 -12.20
CA LEU A 365 12.34 -11.76 -12.39
C LEU A 365 11.64 -12.01 -11.06
N ARG A 366 12.28 -11.71 -9.94
CA ARG A 366 11.69 -11.88 -8.62
C ARG A 366 10.91 -10.63 -8.21
N GLU A 367 9.81 -10.42 -8.93
CA GLU A 367 8.85 -9.37 -8.63
C GLU A 367 7.47 -9.95 -8.88
N GLY A 368 6.45 -9.20 -8.50
CA GLY A 368 5.10 -9.60 -8.86
C GLY A 368 4.87 -9.46 -10.35
N ALA A 369 3.79 -10.09 -10.85
CA ALA A 369 3.47 -9.96 -12.26
C ALA A 369 3.41 -8.49 -12.67
N ASN A 370 2.82 -7.66 -11.82
CA ASN A 370 3.07 -6.22 -11.80
C ASN A 370 2.99 -5.82 -10.34
N PRO A 371 3.34 -4.58 -10.01
CA PRO A 371 3.41 -4.23 -8.58
C PRO A 371 2.09 -4.36 -7.86
N GLY A 372 0.96 -4.17 -8.53
CA GLY A 372 -0.33 -4.37 -7.89
C GLY A 372 -0.56 -5.80 -7.46
N PHE A 373 -0.04 -6.77 -8.23
CA PHE A 373 -0.19 -8.18 -7.85
C PHE A 373 0.50 -8.46 -6.51
N HIS A 374 1.70 -7.91 -6.32
CA HIS A 374 2.41 -8.12 -5.05
C HIS A 374 1.59 -7.58 -3.89
N GLU A 375 0.91 -6.45 -4.08
CA GLU A 375 0.11 -5.87 -3.03
C GLU A 375 -1.19 -6.63 -2.77
N ALA A 376 -1.66 -7.41 -3.73
CA ALA A 376 -3.02 -7.93 -3.61
C ALA A 376 -3.14 -9.24 -2.85
N ILE A 377 -2.07 -10.05 -2.79
CA ILE A 377 -2.19 -11.42 -2.32
C ILE A 377 -2.72 -11.44 -0.88
N GLY A 378 -2.06 -10.72 0.01
CA GLY A 378 -2.48 -10.73 1.40
C GLY A 378 -3.86 -10.16 1.60
N ASP A 379 -4.18 -9.13 0.82
CA ASP A 379 -5.51 -8.52 0.91
C ASP A 379 -6.60 -9.49 0.49
N VAL A 380 -6.33 -10.38 -0.47
CA VAL A 380 -7.34 -11.36 -0.86
C VAL A 380 -7.71 -12.23 0.32
N LEU A 381 -6.69 -12.77 1.01
CA LEU A 381 -6.98 -13.60 2.17
C LEU A 381 -7.69 -12.78 3.24
N ALA A 382 -7.30 -11.53 3.41
CA ALA A 382 -7.89 -10.72 4.47
C ALA A 382 -9.37 -10.44 4.21
N LEU A 383 -9.80 -10.44 2.95
CA LEU A 383 -11.24 -10.32 2.70
C LEU A 383 -12.00 -11.48 3.35
N SER A 384 -11.47 -12.70 3.29
CA SER A 384 -12.13 -13.81 3.94
C SER A 384 -11.97 -13.72 5.46
N VAL A 385 -10.80 -13.30 5.94
CA VAL A 385 -10.59 -13.17 7.39
C VAL A 385 -11.62 -12.23 8.00
N SER A 386 -11.99 -11.18 7.25
CA SER A 386 -12.88 -10.15 7.75
C SER A 386 -14.34 -10.55 7.78
N THR A 387 -14.72 -11.66 7.16
CA THR A 387 -16.12 -12.04 7.13
C THR A 387 -16.59 -12.36 8.55
N PRO A 388 -17.88 -12.12 8.84
CA PRO A 388 -18.42 -12.56 10.14
C PRO A 388 -18.17 -14.03 10.45
N LYS A 389 -18.21 -14.91 9.43
CA LYS A 389 -17.96 -16.32 9.67
C LYS A 389 -16.58 -16.56 10.26
N HIS A 390 -15.56 -15.94 9.68
CA HIS A 390 -14.22 -16.19 10.19
C HIS A 390 -13.96 -15.44 11.49
N LEU A 391 -14.43 -14.20 11.61
CA LEU A 391 -14.21 -13.47 12.85
C LEU A 391 -14.90 -14.16 14.02
N HIS A 392 -16.10 -14.70 13.78
CA HIS A 392 -16.76 -15.46 14.83
C HIS A 392 -15.92 -16.66 15.25
N SER A 393 -15.28 -17.31 14.28
CA SER A 393 -14.46 -18.48 14.60
C SER A 393 -13.22 -18.10 15.39
N LEU A 394 -12.80 -16.84 15.31
CA LEU A 394 -11.70 -16.32 16.13
C LEU A 394 -12.19 -15.79 17.48
N ASN A 395 -13.51 -15.83 17.72
CA ASN A 395 -14.12 -15.34 18.96
C ASN A 395 -14.07 -13.81 19.06
N LEU A 396 -14.05 -13.14 17.91
CA LEU A 396 -14.02 -11.69 17.87
C LEU A 396 -15.35 -11.06 17.47
N LEU A 397 -16.34 -11.88 17.10
CA LEU A 397 -17.68 -11.43 16.80
C LEU A 397 -18.64 -12.47 17.40
N SER A 398 -19.81 -12.00 17.85
CA SER A 398 -20.65 -12.84 18.70
C SER A 398 -21.47 -13.86 17.93
N SER A 399 -21.88 -13.54 16.70
CA SER A 399 -22.63 -14.46 15.87
C SER A 399 -22.07 -14.39 14.45
N GLU A 400 -22.66 -15.17 13.55
CA GLU A 400 -22.24 -15.19 12.15
C GLU A 400 -23.04 -14.23 11.28
N GLY A 401 -24.05 -13.58 11.84
CA GLY A 401 -24.74 -12.50 11.17
C GLY A 401 -25.64 -12.93 10.04
N GLY A 402 -26.70 -13.68 10.36
CA GLY A 402 -27.63 -14.09 9.33
C GLY A 402 -28.57 -12.99 8.88
N SER A 403 -28.86 -12.03 9.76
CA SER A 403 -29.90 -11.05 9.48
C SER A 403 -29.49 -10.11 8.35
N ASP A 404 -30.49 -9.61 7.63
CA ASP A 404 -30.23 -8.60 6.60
C ASP A 404 -29.56 -7.38 7.21
N GLU A 405 -29.93 -7.01 8.44
CA GLU A 405 -29.32 -5.85 9.07
C GLU A 405 -27.83 -6.06 9.28
N HIS A 406 -27.45 -7.20 9.87
CA HIS A 406 -26.03 -7.48 10.06
C HIS A 406 -25.28 -7.46 8.74
N ASP A 407 -25.95 -7.91 7.68
CA ASP A 407 -25.33 -8.01 6.36
C ASP A 407 -24.97 -6.64 5.81
N ILE A 408 -25.90 -5.70 5.86
CA ILE A 408 -25.61 -4.34 5.39
C ILE A 408 -24.58 -3.68 6.29
N ASN A 409 -24.66 -3.92 7.61
CA ASN A 409 -23.64 -3.38 8.50
C ASN A 409 -22.25 -3.88 8.10
N PHE A 410 -22.12 -5.17 7.81
CA PHE A 410 -20.82 -5.71 7.40
C PHE A 410 -20.35 -5.06 6.11
N LEU A 411 -21.24 -4.97 5.11
CA LEU A 411 -20.84 -4.35 3.84
C LEU A 411 -20.41 -2.89 4.05
N MET A 412 -21.07 -2.17 4.95
CA MET A 412 -20.66 -0.80 5.23
C MET A 412 -19.26 -0.77 5.83
N LYS A 413 -18.98 -1.65 6.80
CA LYS A 413 -17.65 -1.68 7.40
C LYS A 413 -16.59 -1.93 6.33
N MET A 414 -16.87 -2.86 5.40
CA MET A 414 -15.92 -3.12 4.33
C MET A 414 -15.81 -1.94 3.38
N ALA A 415 -16.93 -1.30 3.05
CA ALA A 415 -16.88 -0.20 2.10
C ALA A 415 -16.07 0.97 2.66
N LEU A 416 -16.17 1.22 3.96
CA LEU A 416 -15.44 2.33 4.56
C LEU A 416 -13.94 2.19 4.37
N ASP A 417 -13.44 0.96 4.25
CA ASP A 417 -12.03 0.78 3.93
C ASP A 417 -11.81 0.68 2.42
N LYS A 418 -12.52 -0.22 1.75
CA LYS A 418 -12.18 -0.54 0.38
C LYS A 418 -12.64 0.50 -0.63
N ILE A 419 -13.85 1.06 -0.46
CA ILE A 419 -14.32 2.04 -1.43
C ILE A 419 -13.70 3.40 -1.16
N ALA A 420 -13.63 3.82 0.10
CA ALA A 420 -13.05 5.12 0.40
C ALA A 420 -11.61 5.21 -0.09
N PHE A 421 -10.88 4.09 -0.13
CA PHE A 421 -9.48 4.13 -0.50
C PHE A 421 -9.28 4.32 -2.00
N ILE A 422 -10.27 4.01 -2.82
CA ILE A 422 -10.12 4.09 -4.27
C ILE A 422 -9.68 5.49 -4.71
N PRO A 423 -10.38 6.58 -4.36
CA PRO A 423 -9.91 7.89 -4.84
C PRO A 423 -8.58 8.32 -4.25
N PHE A 424 -8.32 7.99 -2.98
CA PHE A 424 -7.03 8.34 -2.40
C PHE A 424 -5.90 7.67 -3.14
N SER A 425 -6.04 6.37 -3.41
CA SER A 425 -4.95 5.62 -4.02
C SER A 425 -4.76 6.04 -5.48
N TYR A 426 -5.82 6.55 -6.10
CA TYR A 426 -5.69 7.10 -7.45
C TYR A 426 -4.91 8.40 -7.45
N LEU A 427 -5.18 9.26 -6.48
CA LEU A 427 -4.67 10.62 -6.61
C LEU A 427 -3.21 10.78 -6.22
N VAL A 428 -2.66 9.93 -5.33
CA VAL A 428 -1.31 10.16 -4.85
C VAL A 428 -0.33 10.25 -6.02
N ASP A 429 -0.37 9.30 -6.95
CA ASP A 429 0.57 9.36 -8.06
C ASP A 429 0.04 10.19 -9.24
N GLN A 430 -1.25 10.53 -9.28
CA GLN A 430 -1.63 11.60 -10.20
C GLN A 430 -0.86 12.86 -9.84
N TRP A 431 -0.74 13.15 -8.53
CA TRP A 431 0.06 14.27 -8.06
C TRP A 431 1.53 14.06 -8.39
N ARG A 432 2.10 12.91 -8.00
N ARG A 432 2.08 12.91 -8.02
CA ARG A 432 3.54 12.74 -8.17
CA ARG A 432 3.52 12.71 -8.15
C ARG A 432 3.92 12.68 -9.65
C ARG A 432 3.94 12.63 -9.62
N TRP A 433 3.10 12.02 -10.48
CA TRP A 433 3.45 11.98 -11.90
C TRP A 433 3.58 13.38 -12.48
N ARG A 434 2.73 14.31 -12.03
CA ARG A 434 2.81 15.68 -12.51
C ARG A 434 3.94 16.47 -11.87
N VAL A 435 4.33 16.14 -10.64
CA VAL A 435 5.57 16.70 -10.08
C VAL A 435 6.76 16.26 -10.94
N PHE A 436 6.80 14.97 -11.28
CA PHE A 436 7.95 14.46 -12.01
C PHE A 436 8.00 15.01 -13.43
N ASP A 437 6.85 15.21 -14.08
CA ASP A 437 6.87 15.72 -15.45
C ASP A 437 6.93 17.25 -15.51
N GLY A 438 6.99 17.91 -14.35
CA GLY A 438 7.20 19.34 -14.29
C GLY A 438 5.95 20.19 -14.34
N SER A 439 4.77 19.55 -14.41
CA SER A 439 3.51 20.27 -14.45
C SER A 439 3.19 20.93 -13.11
N ILE A 440 3.70 20.37 -12.03
CA ILE A 440 3.59 20.91 -10.68
C ILE A 440 5.01 21.24 -10.23
N THR A 441 5.24 22.46 -9.79
CA THR A 441 6.56 22.87 -9.30
C THR A 441 6.49 23.12 -7.78
N LYS A 442 7.64 23.43 -7.18
CA LYS A 442 7.63 23.72 -5.75
C LYS A 442 6.81 24.97 -5.44
N GLU A 443 6.49 25.78 -6.45
CA GLU A 443 5.62 26.92 -6.22
C GLU A 443 4.20 26.49 -5.85
N ASN A 444 3.75 25.32 -6.33
CA ASN A 444 2.37 24.94 -6.07
C ASN A 444 2.22 23.46 -5.74
N TYR A 445 3.23 22.85 -5.12
CA TYR A 445 3.11 21.49 -4.63
C TYR A 445 1.81 21.29 -3.85
N ASN A 446 1.60 22.16 -2.84
CA ASN A 446 0.55 21.91 -1.88
C ASN A 446 -0.82 22.29 -2.44
N GLN A 447 -0.87 23.40 -3.17
CA GLN A 447 -2.11 23.80 -3.81
C GLN A 447 -2.63 22.72 -4.74
N GLU A 448 -1.74 22.11 -5.51
CA GLU A 448 -2.20 21.09 -6.46
C GLU A 448 -2.54 19.78 -5.76
N TRP A 449 -1.87 19.46 -4.66
CA TRP A 449 -2.29 18.33 -3.83
C TRP A 449 -3.73 18.51 -3.37
N TRP A 450 -4.06 19.67 -2.81
CA TRP A 450 -5.42 19.88 -2.32
C TRP A 450 -6.43 20.01 -3.45
N SER A 451 -6.01 20.46 -4.64
CA SER A 451 -6.93 20.45 -5.77
C SER A 451 -7.35 19.02 -6.11
N LEU A 452 -6.42 18.08 -6.01
CA LEU A 452 -6.73 16.67 -6.28
C LEU A 452 -7.48 16.01 -5.13
N ARG A 453 -7.13 16.35 -3.89
CA ARG A 453 -7.91 15.84 -2.77
C ARG A 453 -9.37 16.27 -2.88
N LEU A 454 -9.60 17.48 -3.36
CA LEU A 454 -10.96 17.94 -3.63
C LEU A 454 -11.57 17.20 -4.82
N LYS A 455 -10.88 17.20 -5.96
CA LYS A 455 -11.45 16.67 -7.19
C LYS A 455 -11.84 15.21 -7.05
N TYR A 456 -10.95 14.39 -6.48
CA TYR A 456 -11.14 12.95 -6.46
C TYR A 456 -11.80 12.46 -5.18
N GLN A 457 -11.36 12.95 -4.02
CA GLN A 457 -11.92 12.45 -2.77
C GLN A 457 -13.07 13.29 -2.21
N GLY A 458 -13.24 14.52 -2.66
CA GLY A 458 -14.27 15.36 -2.05
C GLY A 458 -13.95 15.74 -0.63
N LEU A 459 -12.67 16.03 -0.36
CA LEU A 459 -12.22 16.46 0.96
C LEU A 459 -11.63 17.87 0.87
N CYS A 460 -11.70 18.58 1.99
CA CYS A 460 -11.09 19.90 2.11
C CYS A 460 -10.23 19.93 3.35
N PRO A 461 -9.20 20.77 3.38
CA PRO A 461 -8.39 20.87 4.61
C PRO A 461 -9.17 21.59 5.69
N PRO A 462 -9.09 21.14 6.94
CA PRO A 462 -9.83 21.83 8.00
C PRO A 462 -9.26 23.20 8.32
N VAL A 463 -7.99 23.45 8.00
CA VAL A 463 -7.31 24.71 8.26
C VAL A 463 -6.73 25.17 6.92
N PRO A 464 -6.92 26.41 6.50
CA PRO A 464 -6.31 26.85 5.24
C PRO A 464 -4.80 26.63 5.26
N ARG A 465 -4.27 26.14 4.15
CA ARG A 465 -2.84 25.88 4.07
C ARG A 465 -2.10 27.18 3.78
N THR A 466 -0.83 27.22 4.16
CA THR A 466 -0.02 28.42 4.01
C THR A 466 1.29 28.06 3.32
N GLN A 467 1.99 29.09 2.85
CA GLN A 467 3.29 28.88 2.24
C GLN A 467 4.20 28.19 3.24
N GLY A 468 4.96 27.22 2.76
CA GLY A 468 5.77 26.40 3.62
C GLY A 468 5.14 25.08 4.00
N ASP A 469 3.82 24.95 3.87
CA ASP A 469 3.21 23.65 4.09
C ASP A 469 3.56 22.71 2.94
N PHE A 470 3.79 21.43 3.28
CA PHE A 470 4.05 20.38 2.32
C PHE A 470 3.37 19.11 2.81
N ASP A 471 2.04 19.11 2.70
CA ASP A 471 1.25 18.03 3.28
C ASP A 471 1.55 16.67 2.67
N PRO A 472 1.88 16.54 1.38
CA PRO A 472 2.28 15.20 0.89
C PRO A 472 3.44 14.62 1.67
N GLY A 473 4.34 15.45 2.20
CA GLY A 473 5.47 14.96 2.96
C GLY A 473 5.08 14.27 4.24
N ALA A 474 3.85 14.43 4.69
CA ALA A 474 3.36 13.79 5.89
C ALA A 474 2.76 12.41 5.62
N LYS A 475 2.89 11.90 4.38
CA LYS A 475 2.46 10.56 4.02
C LYS A 475 3.70 9.73 3.69
N PHE A 476 3.84 8.57 4.36
CA PHE A 476 5.07 7.78 4.32
C PHE A 476 5.69 7.62 2.93
N HIS A 477 4.89 7.25 1.94
CA HIS A 477 5.42 6.86 0.64
C HIS A 477 6.07 8.01 -0.11
N ILE A 478 5.78 9.25 0.26
CA ILE A 478 6.35 10.42 -0.41
C ILE A 478 7.82 10.56 0.00
N PRO A 479 8.16 10.75 1.28
CA PRO A 479 9.58 10.82 1.62
C PRO A 479 10.35 9.52 1.41
N SER A 480 9.67 8.38 1.43
CA SER A 480 10.34 7.10 1.21
C SER A 480 10.43 6.72 -0.26
N SER A 481 9.84 7.51 -1.15
CA SER A 481 9.92 7.27 -2.59
C SER A 481 9.43 5.87 -2.96
N VAL A 482 8.24 5.53 -2.48
CA VAL A 482 7.56 4.27 -2.78
C VAL A 482 6.38 4.59 -3.69
N PRO A 483 6.31 4.02 -4.89
CA PRO A 483 5.14 4.29 -5.75
C PRO A 483 3.83 3.86 -5.10
N TYR A 484 2.74 4.52 -5.52
CA TYR A 484 1.46 4.34 -4.87
C TYR A 484 0.36 3.75 -5.76
N ILE A 485 0.44 3.89 -7.08
CA ILE A 485 -0.65 3.41 -7.93
C ILE A 485 -0.81 1.90 -7.81
N ARG A 486 0.24 1.19 -7.38
CA ARG A 486 0.14 -0.24 -7.07
C ARG A 486 -1.04 -0.54 -6.15
N TYR A 487 -1.37 0.37 -5.24
CA TYR A 487 -2.43 0.08 -4.28
C TYR A 487 -3.82 0.29 -4.89
N PHE A 488 -3.95 1.24 -5.82
CA PHE A 488 -5.17 1.34 -6.61
C PHE A 488 -5.41 0.07 -7.41
N VAL A 489 -4.38 -0.38 -8.15
CA VAL A 489 -4.49 -1.61 -8.92
C VAL A 489 -4.84 -2.76 -8.00
N SER A 490 -4.17 -2.84 -6.85
CA SER A 490 -4.42 -3.92 -5.90
C SER A 490 -5.87 -3.96 -5.47
N PHE A 491 -6.44 -2.81 -5.13
CA PHE A 491 -7.81 -2.82 -4.59
C PHE A 491 -8.83 -3.22 -5.65
N ILE A 492 -8.57 -2.93 -6.93
CA ILE A 492 -9.43 -3.45 -7.98
C ILE A 492 -9.26 -4.96 -8.13
N ILE A 493 -8.02 -5.41 -8.36
CA ILE A 493 -7.84 -6.80 -8.75
C ILE A 493 -8.05 -7.76 -7.58
N GLN A 494 -7.89 -7.31 -6.33
CA GLN A 494 -8.11 -8.23 -5.22
C GLN A 494 -9.54 -8.74 -5.20
N PHE A 495 -10.50 -7.93 -5.64
CA PHE A 495 -11.88 -8.42 -5.75
C PHE A 495 -12.05 -9.36 -6.94
N GLN A 496 -11.32 -9.12 -8.03
CA GLN A 496 -11.33 -10.08 -9.13
C GLN A 496 -10.78 -11.42 -8.67
N PHE A 497 -9.69 -11.39 -7.89
CA PHE A 497 -9.12 -12.62 -7.38
C PHE A 497 -10.09 -13.31 -6.41
N HIS A 498 -10.67 -12.57 -5.46
CA HIS A 498 -11.66 -13.11 -4.53
C HIS A 498 -12.78 -13.82 -5.27
N GLU A 499 -13.35 -13.17 -6.28
CA GLU A 499 -14.43 -13.76 -7.06
C GLU A 499 -13.99 -15.05 -7.75
N ALA A 500 -12.80 -15.06 -8.32
CA ALA A 500 -12.34 -16.26 -9.00
C ALA A 500 -12.04 -17.39 -8.02
N LEU A 501 -11.45 -17.06 -6.88
CA LEU A 501 -11.09 -18.08 -5.91
C LEU A 501 -12.34 -18.63 -5.21
N CYS A 502 -13.33 -17.78 -4.97
CA CYS A 502 -14.59 -18.26 -4.42
C CYS A 502 -15.29 -19.20 -5.39
N GLN A 503 -15.24 -18.90 -6.69
CA GLN A 503 -15.79 -19.85 -7.66
C GLN A 503 -15.00 -21.15 -7.65
N ALA A 504 -13.67 -21.07 -7.63
CA ALA A 504 -12.87 -22.29 -7.59
C ALA A 504 -13.20 -23.12 -6.37
N ALA A 505 -13.56 -22.45 -5.26
CA ALA A 505 -13.87 -23.13 -4.01
C ALA A 505 -15.29 -23.67 -3.95
N GLY A 506 -16.11 -23.44 -4.97
CA GLY A 506 -17.48 -23.92 -4.95
C GLY A 506 -18.47 -23.05 -4.20
N HIS A 507 -18.11 -21.82 -3.87
CA HIS A 507 -19.04 -20.93 -3.20
C HIS A 507 -20.20 -20.59 -4.11
N THR A 508 -21.41 -20.57 -3.54
CA THR A 508 -22.59 -20.09 -4.22
C THR A 508 -23.22 -18.98 -3.40
N GLY A 509 -23.95 -18.11 -4.08
CA GLY A 509 -24.61 -17.02 -3.43
C GLY A 509 -23.76 -15.77 -3.45
N PRO A 510 -24.17 -14.77 -2.67
CA PRO A 510 -23.52 -13.45 -2.77
C PRO A 510 -22.02 -13.53 -2.53
N LEU A 511 -21.27 -12.79 -3.35
CA LEU A 511 -19.82 -12.84 -3.25
C LEU A 511 -19.32 -12.44 -1.87
N HIS A 512 -20.01 -11.50 -1.21
CA HIS A 512 -19.47 -10.99 0.03
C HIS A 512 -19.62 -11.96 1.21
N LYS A 513 -20.34 -13.06 1.03
CA LYS A 513 -20.43 -14.11 2.04
C LYS A 513 -19.38 -15.20 1.88
N CYS A 514 -18.50 -15.07 0.89
CA CYS A 514 -17.53 -16.11 0.61
C CYS A 514 -16.36 -16.08 1.60
N ASP A 515 -15.93 -17.26 2.04
CA ASP A 515 -14.77 -17.40 2.93
C ASP A 515 -13.95 -18.56 2.38
N ILE A 516 -12.75 -18.26 1.86
CA ILE A 516 -11.99 -19.29 1.17
C ILE A 516 -11.11 -20.11 2.10
N TYR A 517 -11.20 -19.91 3.42
CA TYR A 517 -10.38 -20.68 4.35
C TYR A 517 -10.43 -22.18 4.04
N GLN A 518 -9.24 -22.77 3.94
CA GLN A 518 -8.94 -24.19 3.75
C GLN A 518 -9.17 -24.69 2.34
N SER A 519 -9.39 -23.81 1.36
CA SER A 519 -9.64 -24.25 0.00
C SER A 519 -8.30 -24.50 -0.70
N LYS A 520 -7.98 -25.77 -0.96
CA LYS A 520 -6.77 -26.07 -1.71
C LYS A 520 -6.91 -25.69 -3.18
N GLU A 521 -8.13 -25.72 -3.71
CA GLU A 521 -8.36 -25.26 -5.08
C GLU A 521 -8.06 -23.77 -5.21
N ALA A 522 -8.45 -22.97 -4.21
CA ALA A 522 -8.12 -21.55 -4.26
C ALA A 522 -6.61 -21.33 -4.14
N GLY A 523 -5.95 -22.07 -3.26
CA GLY A 523 -4.52 -21.90 -3.11
C GLY A 523 -3.74 -22.25 -4.37
N GLN A 524 -4.17 -23.31 -5.05
CA GLN A 524 -3.47 -23.73 -6.26
C GLN A 524 -3.50 -22.64 -7.33
N ARG A 525 -4.65 -21.96 -7.47
CA ARG A 525 -4.74 -20.86 -8.43
C ARG A 525 -3.71 -19.79 -8.11
N LEU A 526 -3.63 -19.40 -6.84
CA LEU A 526 -2.70 -18.35 -6.44
C LEU A 526 -1.26 -18.78 -6.65
N ALA A 527 -0.93 -20.01 -6.24
CA ALA A 527 0.45 -20.47 -6.32
C ALA A 527 0.96 -20.49 -7.76
N THR A 528 0.14 -20.98 -8.70
CA THR A 528 0.61 -21.05 -10.08
C THR A 528 0.94 -19.67 -10.61
N ALA A 529 0.14 -18.67 -10.24
CA ALA A 529 0.38 -17.31 -10.69
C ALA A 529 1.60 -16.69 -10.01
N MET A 530 1.75 -16.91 -8.69
CA MET A 530 2.87 -16.30 -7.98
C MET A 530 4.20 -16.88 -8.44
N LYS A 531 4.23 -18.16 -8.79
CA LYS A 531 5.46 -18.79 -9.24
C LYS A 531 5.99 -18.19 -10.54
N LEU A 532 5.14 -17.51 -11.31
CA LEU A 532 5.61 -16.86 -12.53
C LEU A 532 6.50 -15.65 -12.24
N GLY A 533 6.41 -15.11 -11.04
CA GLY A 533 7.10 -13.85 -10.76
C GLY A 533 6.83 -12.84 -11.85
N PHE A 534 7.90 -12.24 -12.35
CA PHE A 534 7.90 -11.25 -13.41
C PHE A 534 8.36 -11.83 -14.73
N SER A 535 8.23 -13.15 -14.91
CA SER A 535 8.75 -13.80 -16.10
C SER A 535 7.88 -13.62 -17.33
N ARG A 536 6.60 -13.25 -17.16
CA ARG A 536 5.65 -13.12 -18.25
C ARG A 536 4.84 -11.85 -18.11
N PRO A 537 4.31 -11.31 -19.21
CA PRO A 537 3.39 -10.17 -19.11
C PRO A 537 2.27 -10.46 -18.11
N TRP A 538 1.89 -9.46 -17.32
CA TRP A 538 0.96 -9.73 -16.24
C TRP A 538 -0.41 -10.24 -16.70
N PRO A 539 -0.91 -9.95 -17.91
CA PRO A 539 -2.20 -10.54 -18.30
C PRO A 539 -2.19 -12.06 -18.24
N GLU A 540 -1.03 -12.71 -18.38
CA GLU A 540 -0.98 -14.17 -18.27
C GLU A 540 -1.28 -14.63 -16.85
N ALA A 541 -0.70 -13.96 -15.84
CA ALA A 541 -1.04 -14.30 -14.46
C ALA A 541 -2.49 -13.96 -14.15
N MET A 542 -2.99 -12.86 -14.71
CA MET A 542 -4.41 -12.55 -14.54
C MET A 542 -5.29 -13.66 -15.09
N GLN A 543 -4.93 -14.22 -16.24
CA GLN A 543 -5.77 -15.28 -16.84
C GLN A 543 -5.64 -16.57 -16.06
N LEU A 544 -4.46 -16.86 -15.49
CA LEU A 544 -4.33 -18.05 -14.65
C LEU A 544 -5.26 -17.98 -13.45
N ILE A 545 -5.38 -16.81 -12.81
CA ILE A 545 -6.23 -16.71 -11.63
C ILE A 545 -7.70 -16.65 -12.01
N THR A 546 -8.06 -15.80 -13.00
CA THR A 546 -9.45 -15.42 -13.18
C THR A 546 -10.12 -15.98 -14.44
N GLY A 547 -9.37 -16.56 -15.37
CA GLY A 547 -9.93 -17.02 -16.62
C GLY A 547 -10.05 -15.96 -17.71
N GLN A 548 -9.56 -14.76 -17.48
CA GLN A 548 -9.55 -13.71 -18.49
C GLN A 548 -8.39 -12.80 -18.20
N PRO A 549 -8.03 -11.88 -19.14
CA PRO A 549 -6.75 -11.17 -19.01
C PRO A 549 -6.78 -9.72 -18.60
N GLN A 550 -7.95 -9.14 -18.35
CA GLN A 550 -8.05 -7.71 -18.09
C GLN A 550 -8.24 -7.38 -16.61
N MET A 551 -7.86 -6.16 -16.23
CA MET A 551 -8.35 -5.56 -15.01
C MET A 551 -9.80 -5.14 -15.19
N SER A 552 -10.60 -5.32 -14.16
CA SER A 552 -12.03 -5.06 -14.27
C SER A 552 -12.59 -4.72 -12.90
N ALA A 553 -13.41 -3.67 -12.84
CA ALA A 553 -14.08 -3.30 -11.60
C ALA A 553 -15.34 -4.11 -11.34
N SER A 554 -15.73 -4.99 -12.26
CA SER A 554 -17.03 -5.65 -12.11
C SER A 554 -17.10 -6.51 -10.86
N ALA A 555 -15.98 -7.14 -10.45
CA ALA A 555 -16.03 -7.97 -9.25
C ALA A 555 -16.25 -7.14 -7.99
N MET A 556 -15.55 -6.00 -7.87
CA MET A 556 -15.78 -5.11 -6.73
C MET A 556 -17.21 -4.59 -6.74
N LEU A 557 -17.74 -4.24 -7.92
CA LEU A 557 -19.12 -3.76 -7.99
C LEU A 557 -20.10 -4.84 -7.57
N SER A 558 -19.83 -6.09 -7.97
CA SER A 558 -20.70 -7.19 -7.58
C SER A 558 -20.67 -7.42 -6.07
N TYR A 559 -19.46 -7.45 -5.49
CA TYR A 559 -19.32 -7.58 -4.03
C TYR A 559 -20.19 -6.58 -3.30
N PHE A 560 -20.18 -5.32 -3.74
CA PHE A 560 -20.85 -4.23 -3.03
C PHE A 560 -22.25 -3.91 -3.56
N LYS A 561 -22.77 -4.68 -4.52
CA LYS A 561 -24.07 -4.37 -5.10
C LYS A 561 -25.17 -4.18 -4.06
N PRO A 562 -25.31 -5.05 -3.04
CA PRO A 562 -26.39 -4.82 -2.06
C PRO A 562 -26.23 -3.52 -1.31
N LEU A 563 -24.99 -3.08 -1.09
CA LEU A 563 -24.78 -1.82 -0.39
C LEU A 563 -25.07 -0.62 -1.29
N LEU A 564 -24.71 -0.71 -2.56
CA LEU A 564 -25.05 0.37 -3.48
C LEU A 564 -26.57 0.58 -3.51
N ASP A 565 -27.32 -0.53 -3.58
CA ASP A 565 -28.78 -0.43 -3.56
C ASP A 565 -29.27 0.23 -2.28
N TRP A 566 -28.71 -0.18 -1.14
CA TRP A 566 -29.13 0.39 0.14
C TRP A 566 -28.76 1.87 0.23
N LEU A 567 -27.56 2.22 -0.21
CA LEU A 567 -27.11 3.60 -0.14
C LEU A 567 -27.96 4.50 -1.03
N ARG A 568 -28.30 4.02 -2.22
CA ARG A 568 -29.11 4.85 -3.11
C ARG A 568 -30.47 5.15 -2.48
N THR A 569 -31.09 4.14 -1.87
CA THR A 569 -32.39 4.35 -1.24
C THR A 569 -32.27 5.31 -0.06
N GLU A 570 -31.28 5.09 0.80
CA GLU A 570 -31.06 5.95 1.96
C GLU A 570 -30.77 7.39 1.56
N ASN A 571 -29.86 7.58 0.60
CA ASN A 571 -29.52 8.95 0.20
C ASN A 571 -30.69 9.64 -0.47
N GLU A 572 -31.47 8.90 -1.27
N GLU A 572 -31.49 8.90 -1.24
CA GLU A 572 -32.63 9.48 -1.92
CA GLU A 572 -32.62 9.51 -1.94
C GLU A 572 -33.62 10.02 -0.91
C GLU A 572 -33.71 9.95 -0.98
N LEU A 573 -33.91 9.25 0.13
CA LEU A 573 -34.96 9.66 1.05
C LEU A 573 -34.52 10.83 1.92
N HIS A 574 -33.22 11.02 2.09
CA HIS A 574 -32.70 12.20 2.78
C HIS A 574 -32.45 13.37 1.84
N GLY A 575 -32.63 13.17 0.53
CA GLY A 575 -32.46 14.23 -0.44
C GLY A 575 -31.03 14.65 -0.68
N GLU A 576 -30.08 13.72 -0.59
CA GLU A 576 -28.69 14.14 -0.73
C GLU A 576 -28.41 14.59 -2.15
N LYS A 577 -27.56 15.60 -2.27
CA LYS A 577 -27.01 16.03 -3.56
C LYS A 577 -25.62 15.41 -3.63
N LEU A 578 -25.47 14.35 -4.43
CA LEU A 578 -24.18 13.70 -4.54
C LEU A 578 -23.15 14.65 -5.11
N GLY A 579 -21.91 14.47 -4.69
CA GLY A 579 -20.81 15.27 -5.17
C GLY A 579 -20.63 16.57 -4.40
N TRP A 580 -19.87 17.46 -5.01
CA TRP A 580 -19.44 18.71 -4.37
C TRP A 580 -18.97 19.64 -5.50
N PRO A 581 -18.79 20.94 -5.20
CA PRO A 581 -18.40 21.86 -6.27
C PRO A 581 -17.03 21.54 -6.88
#